data_2EX4
#
_entry.id   2EX4
#
_cell.length_a   43.922
_cell.length_b   47.367
_cell.length_c   64.734
_cell.angle_alpha   105.72
_cell.angle_beta   88.18
_cell.angle_gamma   115.97
#
_symmetry.space_group_name_H-M   'P 1'
#
loop_
_entity.id
_entity.type
_entity.pdbx_description
1 polymer 'adrenal gland protein AD-003'
2 non-polymer S-ADENOSYL-L-HOMOCYSTEINE
3 water water
#
_entity_poly.entity_id   1
_entity_poly.type   'polypeptide(L)'
_entity_poly.pdbx_seq_one_letter_code
;MGSSHHHHHHSSGLVPRGSTSEVIEDEKQFYSKAKTYWKQIPPTVDGMLGGYGHISSIDINSSRKFLQRFLREGPNKTGT
SCALDCGAGIGRITKRLLLPLFREVDMVDITEDFLVQAKTYLGEEGKRVRNYFCCGLQDFTPEPDSYDVIWIQWVIGHLT
DQHLAEFLRRCKGSLRPNGIIVIKDNMAQEGVILDDVDSSVCRDLDVVRRIICSAGLSLLAEERQENLPDEIYHVYSFAL
R
;
_entity_poly.pdbx_strand_id   A,B
#
# COMPACT_ATOMS: atom_id res chain seq x y z
N ARG A 17 4.60 -27.13 11.64
CA ARG A 17 3.96 -25.98 10.94
C ARG A 17 4.96 -24.85 10.82
N GLY A 18 5.22 -24.38 9.61
CA GLY A 18 6.29 -23.42 9.37
C GLY A 18 5.86 -22.02 8.95
N SER A 19 4.55 -21.79 8.94
CA SER A 19 4.00 -20.52 8.48
C SER A 19 2.68 -20.20 9.17
N THR A 20 2.34 -18.92 9.26
CA THR A 20 1.04 -18.52 9.80
C THR A 20 -0.12 -19.05 8.93
N SER A 21 0.08 -19.11 7.61
CA SER A 21 -0.97 -19.60 6.68
C SER A 21 -1.40 -21.03 7.03
N GLU A 22 -0.47 -21.81 7.55
CA GLU A 22 -0.78 -23.16 8.03
C GLU A 22 -1.65 -23.18 9.29
N VAL A 23 -1.38 -22.26 10.23
CA VAL A 23 -1.97 -22.33 11.57
C VAL A 23 -3.18 -21.43 11.79
N ILE A 24 -3.31 -20.38 10.99
CA ILE A 24 -4.42 -19.45 11.13
C ILE A 24 -5.57 -19.89 10.23
N GLU A 25 -6.68 -20.28 10.86
CA GLU A 25 -7.83 -20.80 10.13
C GLU A 25 -8.62 -19.71 9.41
N ASP A 26 -8.66 -18.50 9.96
CA ASP A 26 -9.48 -17.40 9.46
C ASP A 26 -8.80 -16.10 9.87
N GLU A 27 -8.23 -15.41 8.91
CA GLU A 27 -7.42 -14.23 9.20
C GLU A 27 -8.18 -13.11 9.90
N LYS A 28 -9.43 -12.87 9.49
CA LYS A 28 -10.26 -11.86 10.14
C LYS A 28 -10.44 -12.17 11.65
N GLN A 29 -10.63 -13.45 11.98
CA GLN A 29 -10.83 -13.89 13.37
C GLN A 29 -9.55 -13.80 14.17
N PHE A 30 -8.43 -14.11 13.52
CA PHE A 30 -7.09 -13.96 14.13
C PHE A 30 -6.91 -12.55 14.68
N TYR A 31 -7.27 -11.56 13.88
CA TYR A 31 -7.15 -10.16 14.28
C TYR A 31 -8.26 -9.73 15.26
N SER A 32 -9.52 -10.04 14.95
CA SER A 32 -10.62 -9.61 15.85
C SER A 32 -10.56 -10.23 17.24
N LYS A 33 -10.17 -11.50 17.35
CA LYS A 33 -10.01 -12.12 18.66
C LYS A 33 -8.88 -11.46 19.49
N ALA A 34 -7.80 -11.08 18.81
CA ALA A 34 -6.69 -10.40 19.47
C ALA A 34 -7.13 -9.04 20.04
N LYS A 35 -7.87 -8.30 19.24
CA LYS A 35 -8.41 -7.02 19.68
C LYS A 35 -9.33 -7.22 20.90
N THR A 36 -10.20 -8.23 20.83
CA THR A 36 -11.12 -8.54 21.93
C THR A 36 -10.36 -8.94 23.20
N TYR A 37 -9.30 -9.76 23.06
CA TYR A 37 -8.49 -10.18 24.22
C TYR A 37 -7.91 -8.94 24.87
N TRP A 38 -7.27 -8.08 24.08
CA TRP A 38 -6.57 -6.95 24.66
C TRP A 38 -7.51 -5.93 25.29
N LYS A 39 -8.71 -5.82 24.74
CA LYS A 39 -9.73 -4.93 25.29
C LYS A 39 -10.04 -5.25 26.78
N GLN A 40 -9.94 -6.51 27.19
CA GLN A 40 -10.25 -6.87 28.59
C GLN A 40 -9.05 -6.97 29.54
N ILE A 41 -7.89 -6.49 29.08
CA ILE A 41 -6.67 -6.52 29.89
C ILE A 41 -6.47 -5.20 30.66
N PRO A 42 -6.15 -5.28 31.97
CA PRO A 42 -5.90 -4.04 32.72
C PRO A 42 -4.83 -3.18 32.05
N PRO A 43 -5.03 -1.85 32.02
CA PRO A 43 -4.03 -1.01 31.37
C PRO A 43 -2.93 -0.65 32.36
N THR A 44 -2.13 -1.65 32.66
CA THR A 44 -1.04 -1.57 33.62
C THR A 44 0.15 -2.32 33.05
N VAL A 45 1.33 -2.05 33.61
CA VAL A 45 2.55 -2.79 33.19
C VAL A 45 2.36 -4.30 33.33
N ASP A 46 1.70 -4.72 34.40
CA ASP A 46 1.44 -6.14 34.60
C ASP A 46 0.59 -6.71 33.47
N GLY A 47 -0.41 -5.95 33.05
CA GLY A 47 -1.25 -6.34 31.93
C GLY A 47 -0.46 -6.45 30.63
N MET A 48 0.37 -5.43 30.37
CA MET A 48 1.22 -5.39 29.16
C MET A 48 2.10 -6.64 29.08
N LEU A 49 2.50 -7.12 30.24
CA LEU A 49 3.44 -8.23 30.29
C LEU A 49 2.79 -9.52 30.76
N GLY A 50 1.48 -9.62 30.65
CA GLY A 50 0.79 -10.90 30.84
C GLY A 50 0.93 -11.47 32.25
N GLY A 51 1.04 -10.59 33.25
CA GLY A 51 1.21 -11.06 34.64
C GLY A 51 2.67 -11.16 35.06
N TYR A 52 3.57 -10.72 34.20
CA TYR A 52 5.01 -10.75 34.47
C TYR A 52 5.61 -9.35 34.58
N GLY A 53 4.86 -8.44 35.18
CA GLY A 53 5.27 -7.04 35.28
C GLY A 53 6.67 -6.89 35.85
N HIS A 54 6.98 -7.71 36.85
CA HIS A 54 8.26 -7.69 37.52
C HIS A 54 9.50 -7.82 36.60
N ILE A 55 9.37 -8.38 35.39
CA ILE A 55 10.50 -8.49 34.47
C ILE A 55 10.83 -7.20 33.73
N SER A 56 9.98 -6.19 33.91
CA SER A 56 10.14 -4.95 33.11
C SER A 56 11.52 -4.32 33.19
N SER A 57 12.07 -4.19 34.40
CA SER A 57 13.34 -3.46 34.58
C SER A 57 14.53 -4.16 33.91
N ILE A 58 14.60 -5.48 34.05
CA ILE A 58 15.64 -6.27 33.39
C ILE A 58 15.51 -6.19 31.86
N ASP A 59 14.27 -6.22 31.39
CA ASP A 59 14.02 -6.07 29.96
C ASP A 59 14.44 -4.68 29.46
N ILE A 60 14.00 -3.64 30.13
CA ILE A 60 14.30 -2.26 29.72
C ILE A 60 15.82 -1.96 29.75
N ASN A 61 16.48 -2.37 30.81
CA ASN A 61 17.93 -2.13 30.96
C ASN A 61 18.74 -2.84 29.90
N SER A 62 18.29 -4.04 29.54
CA SER A 62 18.94 -4.83 28.49
C SER A 62 18.67 -4.16 27.14
N SER A 63 17.44 -3.70 26.95
CA SER A 63 17.07 -2.96 25.74
C SER A 63 17.86 -1.67 25.59
N ARG A 64 18.06 -0.94 26.69
CA ARG A 64 18.83 0.29 26.64
C ARG A 64 20.26 0.03 26.17
N LYS A 65 20.90 -0.98 26.75
CA LYS A 65 22.29 -1.33 26.43
C LYS A 65 22.43 -1.73 24.96
N PHE A 66 21.46 -2.51 24.47
CA PHE A 66 21.40 -2.90 23.06
C PHE A 66 21.27 -1.69 22.11
N LEU A 67 20.36 -0.77 22.45
CA LEU A 67 20.09 0.40 21.65
C LEU A 67 21.25 1.40 21.69
N GLN A 68 21.85 1.58 22.87
CA GLN A 68 22.96 2.55 23.05
C GLN A 68 24.11 2.36 22.09
N ARG A 69 24.35 1.13 21.66
CA ARG A 69 25.40 0.81 20.68
C ARG A 69 25.25 1.62 19.38
N PHE A 70 24.02 1.86 18.99
CA PHE A 70 23.71 2.54 17.73
C PHE A 70 23.72 4.06 17.87
N LEU A 71 23.62 4.52 19.11
CA LEU A 71 23.59 5.94 19.42
C LEU A 71 24.97 6.47 19.86
N ARG A 72 26.00 5.64 19.76
CA ARG A 72 27.37 6.07 20.10
C ARG A 72 27.95 7.06 19.10
N LYS A 77 26.22 7.21 13.20
CA LYS A 77 25.40 7.28 14.43
C LYS A 77 23.89 7.39 14.11
N THR A 78 23.07 6.65 14.86
CA THR A 78 21.62 6.77 14.77
C THR A 78 21.17 8.07 15.47
N GLY A 79 20.22 8.76 14.85
CA GLY A 79 19.69 10.02 15.36
C GLY A 79 18.84 9.90 16.61
N THR A 80 18.62 11.03 17.27
CA THR A 80 17.89 11.03 18.52
C THR A 80 16.64 11.89 18.48
N SER A 81 16.19 12.25 17.28
CA SER A 81 15.06 13.17 17.13
C SER A 81 13.67 12.56 17.35
N CYS A 82 13.44 11.37 16.79
CA CYS A 82 12.11 10.78 16.81
C CYS A 82 12.18 9.25 16.82
N ALA A 83 11.36 8.65 17.67
CA ALA A 83 11.15 7.21 17.66
C ALA A 83 9.65 6.86 17.51
N LEU A 84 9.40 5.64 17.04
CA LEU A 84 8.06 5.11 16.90
C LEU A 84 7.99 3.85 17.76
N ASP A 85 7.08 3.85 18.73
CA ASP A 85 6.79 2.66 19.56
C ASP A 85 5.62 1.87 18.99
N CYS A 86 5.87 0.64 18.51
CA CYS A 86 4.86 -0.17 17.84
C CYS A 86 4.24 -1.22 18.78
N GLY A 87 2.91 -1.32 18.75
CA GLY A 87 2.20 -2.09 19.81
C GLY A 87 2.60 -1.51 21.16
N ALA A 88 2.56 -0.20 21.28
CA ALA A 88 3.11 0.49 22.45
C ALA A 88 2.35 0.24 23.76
N GLY A 89 1.09 -0.17 23.69
CA GLY A 89 0.26 -0.33 24.88
C GLY A 89 0.18 0.99 25.64
N ILE A 90 0.31 0.94 26.97
CA ILE A 90 0.22 2.14 27.82
C ILE A 90 1.54 2.96 27.84
N GLY A 91 2.57 2.45 27.16
CA GLY A 91 3.84 3.18 27.05
C GLY A 91 4.91 2.77 28.06
N ARG A 92 4.92 1.50 28.44
CA ARG A 92 5.99 0.97 29.32
C ARG A 92 7.34 1.30 28.72
N ILE A 93 7.50 1.01 27.43
CA ILE A 93 8.78 1.20 26.76
C ILE A 93 8.99 2.67 26.45
N THR A 94 7.93 3.34 26.01
CA THR A 94 8.00 4.79 25.70
C THR A 94 8.47 5.59 26.94
N LYS A 95 7.98 5.24 28.13
CA LYS A 95 8.36 5.92 29.37
C LYS A 95 9.81 5.75 29.70
N ARG A 96 10.26 4.51 29.69
CA ARG A 96 11.56 4.19 30.29
C ARG A 96 12.70 4.09 29.29
N LEU A 97 12.41 3.68 28.05
CA LEU A 97 13.46 3.56 27.04
C LEU A 97 13.47 4.74 26.09
N LEU A 98 12.31 5.07 25.50
CA LEU A 98 12.33 5.94 24.35
C LEU A 98 12.33 7.40 24.72
N LEU A 99 11.39 7.83 25.56
CA LEU A 99 11.31 9.27 25.91
C LEU A 99 12.60 9.87 26.48
N PRO A 100 13.33 9.12 27.36
CA PRO A 100 14.64 9.62 27.83
C PRO A 100 15.71 9.79 26.76
N LEU A 101 15.55 9.12 25.62
CA LEU A 101 16.59 9.10 24.58
C LEU A 101 16.24 9.88 23.31
N PHE A 102 14.94 10.09 23.08
CA PHE A 102 14.45 10.72 21.86
C PHE A 102 13.62 11.95 22.15
N ARG A 103 13.85 13.00 21.37
CA ARG A 103 13.20 14.29 21.61
C ARG A 103 11.67 14.17 21.49
N GLU A 104 11.23 13.35 20.53
CA GLU A 104 9.81 13.07 20.35
C GLU A 104 9.58 11.58 20.11
N VAL A 105 8.39 11.12 20.44
CA VAL A 105 8.00 9.72 20.24
C VAL A 105 6.57 9.67 19.69
N ASP A 106 6.33 8.75 18.74
CA ASP A 106 4.98 8.42 18.28
C ASP A 106 4.65 7.02 18.84
N MET A 107 3.41 6.81 19.22
CA MET A 107 2.97 5.49 19.68
C MET A 107 1.86 4.98 18.76
N VAL A 108 1.91 3.69 18.44
CA VAL A 108 0.83 3.07 17.70
C VAL A 108 0.38 1.80 18.41
N ASP A 109 -0.92 1.65 18.58
CA ASP A 109 -1.48 0.44 19.20
C ASP A 109 -2.92 0.26 18.79
N ILE A 110 -3.39 -0.99 18.66
CA ILE A 110 -4.81 -1.27 18.34
C ILE A 110 -5.79 -0.90 19.45
N THR A 111 -5.33 -0.87 20.70
CA THR A 111 -6.22 -0.72 21.85
C THR A 111 -6.32 0.72 22.35
N GLU A 112 -7.45 1.37 22.04
CA GLU A 112 -7.62 2.79 22.35
C GLU A 112 -7.45 3.08 23.84
N ASP A 113 -8.01 2.21 24.67
CA ASP A 113 -7.97 2.39 26.13
C ASP A 113 -6.53 2.45 26.66
N PHE A 114 -5.63 1.69 26.05
CA PHE A 114 -4.21 1.76 26.44
C PHE A 114 -3.59 3.12 26.10
N LEU A 115 -3.92 3.64 24.93
CA LEU A 115 -3.33 4.92 24.52
C LEU A 115 -3.88 6.07 25.34
N VAL A 116 -5.17 5.96 25.70
CA VAL A 116 -5.77 6.94 26.60
C VAL A 116 -5.04 6.91 27.96
N GLN A 117 -4.89 5.72 28.54
CA GLN A 117 -4.12 5.55 29.78
C GLN A 117 -2.69 6.08 29.66
N ALA A 118 -2.05 5.84 28.51
CA ALA A 118 -0.68 6.33 28.26
C ALA A 118 -0.53 7.79 28.63
N LYS A 119 -1.55 8.59 28.30
CA LYS A 119 -1.52 10.03 28.55
C LYS A 119 -1.35 10.32 30.05
N THR A 120 -1.96 9.49 30.90
CA THR A 120 -1.79 9.59 32.35
C THR A 120 -0.46 8.96 32.80
N TYR A 121 -0.24 7.72 32.36
CA TYR A 121 0.93 6.92 32.75
C TYR A 121 2.26 7.65 32.49
N LEU A 122 2.34 8.31 31.34
CA LEU A 122 3.57 8.95 30.87
C LEU A 122 3.86 10.32 31.52
N GLY A 123 2.82 10.92 32.10
CA GLY A 123 2.99 12.11 32.95
C GLY A 123 3.56 13.28 32.17
N GLU A 124 4.33 14.13 32.85
CA GLU A 124 4.92 15.31 32.21
C GLU A 124 5.74 14.99 30.95
N GLU A 125 6.56 13.95 31.02
CA GLU A 125 7.43 13.63 29.87
C GLU A 125 6.63 13.22 28.63
N GLY A 126 5.45 12.65 28.87
CA GLY A 126 4.54 12.24 27.81
C GLY A 126 3.99 13.36 26.93
N LYS A 127 4.16 14.61 27.35
CA LYS A 127 3.79 15.72 26.50
C LYS A 127 4.67 15.75 25.24
N ARG A 128 5.82 15.05 25.28
CA ARG A 128 6.64 14.91 24.06
C ARG A 128 6.22 13.78 23.13
N VAL A 129 5.17 13.04 23.50
CA VAL A 129 4.55 12.14 22.52
C VAL A 129 3.85 13.01 21.49
N ARG A 130 4.22 12.83 20.23
CA ARG A 130 3.69 13.66 19.15
C ARG A 130 2.34 13.14 18.64
N ASN A 131 2.30 11.87 18.26
CA ASN A 131 1.09 11.22 17.77
C ASN A 131 0.78 9.98 18.61
N TYR A 132 -0.51 9.81 18.94
CA TYR A 132 -1.04 8.54 19.49
C TYR A 132 -1.87 7.93 18.39
N PHE A 133 -1.34 6.93 17.69
CA PHE A 133 -2.05 6.36 16.55
C PHE A 133 -2.85 5.13 17.00
N CYS A 134 -4.18 5.19 16.97
CA CYS A 134 -4.96 3.99 17.29
C CYS A 134 -5.21 3.19 16.03
N CYS A 135 -4.41 2.15 15.84
CA CYS A 135 -4.35 1.44 14.56
C CYS A 135 -3.64 0.12 14.68
N GLY A 136 -4.12 -0.90 13.95
CA GLY A 136 -3.36 -2.14 13.75
C GLY A 136 -2.12 -1.92 12.92
N LEU A 137 -1.02 -2.62 13.24
CA LEU A 137 0.22 -2.46 12.48
C LEU A 137 -0.03 -2.90 11.03
N GLN A 138 -0.89 -3.92 10.88
CA GLN A 138 -1.27 -4.42 9.54
C GLN A 138 -2.01 -3.37 8.69
N ASP A 139 -2.49 -2.30 9.32
CA ASP A 139 -3.24 -1.23 8.66
C ASP A 139 -2.50 0.14 8.75
N PHE A 140 -1.27 0.11 9.25
CA PHE A 140 -0.53 1.34 9.59
C PHE A 140 0.60 1.63 8.64
N THR A 141 0.66 2.86 8.13
CA THR A 141 1.71 3.27 7.21
C THR A 141 2.51 4.42 7.83
N PRO A 142 3.68 4.10 8.40
CA PRO A 142 4.48 5.16 9.01
C PRO A 142 4.92 6.12 7.91
N GLU A 143 4.93 7.42 8.19
CA GLU A 143 5.34 8.41 7.18
C GLU A 143 6.80 8.20 6.74
N PRO A 144 7.08 8.32 5.42
CA PRO A 144 8.45 8.27 4.89
C PRO A 144 9.44 9.16 5.63
N ASP A 145 10.66 8.68 5.77
CA ASP A 145 11.76 9.42 6.42
C ASP A 145 11.34 10.23 7.66
N SER A 146 10.92 9.51 8.71
CA SER A 146 10.33 10.16 9.88
C SER A 146 10.97 9.76 11.20
N TYR A 147 11.54 8.55 11.25
CA TYR A 147 11.97 7.95 12.52
C TYR A 147 13.42 7.51 12.53
N ASP A 148 14.10 7.85 13.61
CA ASP A 148 15.43 7.35 13.87
C ASP A 148 15.39 5.91 14.37
N VAL A 149 14.39 5.59 15.19
CA VAL A 149 14.25 4.24 15.77
C VAL A 149 12.80 3.82 15.75
N ILE A 150 12.56 2.59 15.30
CA ILE A 150 11.20 2.05 15.27
C ILE A 150 11.28 0.80 16.14
N TRP A 151 10.62 0.82 17.29
CA TRP A 151 10.75 -0.24 18.28
C TRP A 151 9.53 -1.14 18.22
N ILE A 152 9.73 -2.45 18.08
CA ILE A 152 8.61 -3.38 17.87
C ILE A 152 8.78 -4.53 18.83
N GLN A 153 8.09 -4.44 19.95
CA GLN A 153 8.30 -5.38 21.03
C GLN A 153 7.03 -6.11 21.48
N TRP A 154 7.14 -7.44 21.53
CA TRP A 154 6.05 -8.30 22.00
C TRP A 154 4.71 -8.07 21.26
N VAL A 155 4.82 -7.86 19.94
CA VAL A 155 3.65 -7.66 19.09
C VAL A 155 3.74 -8.35 17.71
N ILE A 156 4.95 -8.75 17.27
CA ILE A 156 5.08 -9.37 15.93
C ILE A 156 4.23 -10.63 15.79
N GLY A 157 4.00 -11.33 16.90
CA GLY A 157 3.13 -12.52 16.87
C GLY A 157 1.67 -12.21 16.54
N HIS A 158 1.30 -10.93 16.57
CA HIS A 158 -0.07 -10.56 16.27
C HIS A 158 -0.29 -10.30 14.79
N LEU A 159 0.77 -10.42 13.99
CA LEU A 159 0.63 -10.22 12.55
C LEU A 159 0.87 -11.53 11.80
N THR A 160 0.20 -11.68 10.66
CA THR A 160 0.47 -12.78 9.74
C THR A 160 1.89 -12.61 9.20
N ASP A 161 2.42 -13.68 8.59
CA ASP A 161 3.75 -13.61 8.00
C ASP A 161 3.80 -12.54 6.92
N GLN A 162 2.79 -12.53 6.04
CA GLN A 162 2.76 -11.54 4.94
C GLN A 162 2.60 -10.13 5.51
N HIS A 163 1.72 -9.95 6.49
CA HIS A 163 1.54 -8.61 7.05
C HIS A 163 2.78 -8.13 7.78
N LEU A 164 3.50 -9.06 8.42
CA LEU A 164 4.75 -8.71 9.11
C LEU A 164 5.81 -8.26 8.10
N ALA A 165 6.04 -9.07 7.08
CA ALA A 165 6.99 -8.70 6.02
C ALA A 165 6.69 -7.31 5.42
N GLU A 166 5.42 -7.08 5.11
CA GLU A 166 4.96 -5.85 4.48
C GLU A 166 5.13 -4.67 5.42
N PHE A 167 4.72 -4.84 6.67
CA PHE A 167 4.94 -3.81 7.69
C PHE A 167 6.43 -3.46 7.84
N LEU A 168 7.27 -4.48 7.87
CA LEU A 168 8.72 -4.23 8.00
C LEU A 168 9.26 -3.41 6.82
N ARG A 169 8.81 -3.73 5.60
CA ARG A 169 9.17 -2.92 4.43
C ARG A 169 8.66 -1.47 4.53
N ARG A 170 7.44 -1.28 5.02
CA ARG A 170 6.93 0.08 5.23
C ARG A 170 7.75 0.78 6.32
N CYS A 171 8.08 0.06 7.39
CA CYS A 171 9.02 0.58 8.40
C CYS A 171 10.34 1.05 7.81
N LYS A 172 10.97 0.20 6.98
CA LYS A 172 12.24 0.57 6.36
C LYS A 172 12.15 1.90 5.58
N GLY A 173 11.06 2.09 4.83
CA GLY A 173 10.81 3.36 4.12
C GLY A 173 10.47 4.56 4.99
N SER A 174 10.21 4.29 6.27
CA SER A 174 9.93 5.32 7.28
C SER A 174 11.19 5.76 8.06
N LEU A 175 12.28 5.05 7.87
CA LEU A 175 13.50 5.34 8.60
C LEU A 175 14.24 6.56 8.05
N ARG A 176 14.78 7.36 8.97
CA ARG A 176 15.74 8.39 8.60
C ARG A 176 17.10 7.75 8.29
N PRO A 177 17.96 8.47 7.54
CA PRO A 177 19.34 8.03 7.41
C PRO A 177 19.92 7.55 8.72
N ASN A 178 20.55 6.39 8.70
CA ASN A 178 21.15 5.73 9.87
C ASN A 178 20.14 5.22 10.90
N GLY A 179 18.85 5.37 10.61
CA GLY A 179 17.78 4.90 11.49
C GLY A 179 17.74 3.38 11.53
N ILE A 180 17.21 2.83 12.62
CA ILE A 180 17.11 1.37 12.74
C ILE A 180 15.72 0.93 13.21
N ILE A 181 15.38 -0.32 12.91
CA ILE A 181 14.20 -0.97 13.44
C ILE A 181 14.67 -1.98 14.46
N VAL A 182 14.02 -2.06 15.62
CA VAL A 182 14.35 -3.12 16.56
C VAL A 182 13.13 -4.01 16.81
N ILE A 183 13.29 -5.30 16.53
CA ILE A 183 12.30 -6.30 16.95
C ILE A 183 12.81 -6.95 18.24
N LYS A 184 11.97 -6.94 19.26
CA LYS A 184 12.27 -7.70 20.48
C LYS A 184 11.11 -8.59 20.82
N ASP A 185 11.31 -9.89 20.87
CA ASP A 185 10.15 -10.77 21.05
C ASP A 185 10.53 -12.18 21.49
N ASN A 186 9.49 -12.93 21.88
CA ASN A 186 9.59 -14.36 22.19
C ASN A 186 9.85 -15.15 20.93
N MET A 187 10.79 -16.09 21.00
CA MET A 187 11.03 -17.03 19.91
C MET A 187 10.53 -18.41 20.32
N ALA A 188 9.87 -19.13 19.41
CA ALA A 188 9.45 -20.51 19.65
C ALA A 188 10.65 -21.48 19.60
N GLN A 189 10.52 -22.63 20.27
CA GLN A 189 11.54 -23.67 20.17
C GLN A 189 11.61 -24.16 18.73
N GLU A 190 10.45 -24.35 18.10
CA GLU A 190 10.43 -24.82 16.73
C GLU A 190 9.12 -24.49 16.03
N GLY A 191 9.22 -24.10 14.77
CA GLY A 191 8.06 -23.85 13.92
C GLY A 191 7.28 -22.60 14.29
N VAL A 192 5.98 -22.62 14.00
CA VAL A 192 5.05 -21.52 14.27
C VAL A 192 3.89 -22.10 15.10
N ILE A 193 3.67 -21.52 16.28
CA ILE A 193 2.68 -22.03 17.23
C ILE A 193 1.59 -21.02 17.55
N LEU A 194 0.32 -21.41 17.44
CA LEU A 194 -0.80 -20.52 17.77
C LEU A 194 -1.05 -20.46 19.28
N ASP A 195 -1.19 -19.25 19.80
CA ASP A 195 -1.60 -19.07 21.18
C ASP A 195 -3.08 -18.69 21.09
N ASP A 196 -3.96 -19.64 21.44
CA ASP A 196 -5.36 -19.34 21.39
C ASP A 196 -5.82 -18.53 22.63
N VAL A 197 -4.91 -18.23 23.57
CA VAL A 197 -5.26 -17.31 24.67
C VAL A 197 -5.42 -15.90 24.13
N ASP A 198 -4.39 -15.40 23.45
CA ASP A 198 -4.40 -14.00 23.03
C ASP A 198 -4.52 -13.80 21.51
N SER A 199 -4.72 -14.91 20.79
CA SER A 199 -4.81 -14.89 19.33
C SER A 199 -3.52 -14.31 18.71
N SER A 200 -2.41 -14.99 18.97
CA SER A 200 -1.13 -14.60 18.41
C SER A 200 -0.38 -15.88 18.03
N VAL A 201 0.68 -15.72 17.26
CA VAL A 201 1.59 -16.84 17.00
C VAL A 201 2.92 -16.59 17.66
N CYS A 202 3.71 -17.65 17.82
CA CYS A 202 5.11 -17.51 18.16
C CYS A 202 5.88 -18.28 17.10
N ARG A 203 6.99 -17.71 16.64
CA ARG A 203 7.79 -18.28 15.55
C ARG A 203 9.21 -18.58 16.00
N ASP A 204 9.84 -19.61 15.43
CA ASP A 204 11.22 -19.93 15.79
C ASP A 204 12.20 -18.92 15.16
N LEU A 205 13.44 -18.90 15.65
CA LEU A 205 14.48 -17.98 15.19
C LEU A 205 14.70 -18.03 13.69
N ASP A 206 14.71 -19.24 13.12
CA ASP A 206 14.96 -19.39 11.69
C ASP A 206 13.82 -18.77 10.89
N VAL A 207 12.58 -18.96 11.38
CA VAL A 207 11.39 -18.40 10.72
C VAL A 207 11.47 -16.87 10.75
N VAL A 208 11.78 -16.32 11.92
CA VAL A 208 11.89 -14.85 12.03
C VAL A 208 13.00 -14.28 11.15
N ARG A 209 14.19 -14.88 11.22
CA ARG A 209 15.30 -14.48 10.37
C ARG A 209 14.94 -14.53 8.87
N ARG A 210 14.16 -15.54 8.47
CA ARG A 210 13.75 -15.64 7.07
C ARG A 210 12.79 -14.51 6.65
N ILE A 211 11.84 -14.19 7.53
CA ILE A 211 10.90 -13.11 7.25
C ILE A 211 11.66 -11.77 7.13
N ILE A 212 12.56 -11.50 8.07
CA ILE A 212 13.43 -10.30 8.01
C ILE A 212 14.22 -10.26 6.68
N CYS A 213 14.82 -11.37 6.32
CA CYS A 213 15.64 -11.44 5.09
C CYS A 213 14.75 -11.18 3.88
N SER A 214 13.57 -11.80 3.86
CA SER A 214 12.64 -11.66 2.76
C SER A 214 12.06 -10.24 2.63
N ALA A 215 12.10 -9.48 3.73
CA ALA A 215 11.73 -8.06 3.73
C ALA A 215 12.83 -7.14 3.20
N GLY A 216 13.99 -7.72 2.90
CA GLY A 216 15.11 -6.98 2.32
C GLY A 216 15.83 -6.11 3.33
N LEU A 217 15.70 -6.47 4.61
CA LEU A 217 16.38 -5.78 5.71
C LEU A 217 17.68 -6.46 6.11
N SER A 218 18.67 -5.64 6.47
CA SER A 218 19.95 -6.10 6.99
C SER A 218 19.86 -6.31 8.49
N LEU A 219 20.46 -7.39 8.97
CA LEU A 219 20.50 -7.68 10.39
C LEU A 219 21.79 -7.12 10.97
N LEU A 220 21.66 -6.02 11.71
CA LEU A 220 22.79 -5.27 12.22
C LEU A 220 23.29 -5.79 13.55
N ALA A 221 22.37 -6.31 14.36
CA ALA A 221 22.71 -6.99 15.60
C ALA A 221 21.61 -7.98 15.98
N GLU A 222 22.04 -9.05 16.64
CA GLU A 222 21.15 -10.07 17.17
C GLU A 222 21.65 -10.41 18.58
N GLU A 223 20.73 -10.43 19.55
CA GLU A 223 21.10 -10.66 20.94
C GLU A 223 20.01 -11.37 21.73
N ARG A 224 20.39 -12.48 22.35
CA ARG A 224 19.49 -13.20 23.24
C ARG A 224 19.42 -12.52 24.60
N GLN A 225 18.20 -12.34 25.11
CA GLN A 225 17.94 -11.72 26.41
C GLN A 225 18.19 -12.73 27.54
N GLU A 226 19.04 -12.33 28.48
CA GLU A 226 19.37 -13.20 29.61
C GLU A 226 18.69 -12.74 30.90
N ASN A 227 18.84 -13.53 31.96
CA ASN A 227 18.26 -13.24 33.29
C ASN A 227 16.74 -13.31 33.32
N LEU A 228 16.18 -14.30 32.65
CA LEU A 228 14.74 -14.39 32.40
C LEU A 228 14.14 -15.67 33.01
N PRO A 229 12.86 -15.62 33.44
CA PRO A 229 12.14 -16.83 33.87
C PRO A 229 12.23 -17.96 32.83
N ASP A 230 12.35 -19.21 33.30
CA ASP A 230 12.59 -20.36 32.43
C ASP A 230 11.34 -20.87 31.71
N GLU A 231 10.18 -20.69 32.33
CA GLU A 231 8.92 -21.26 31.79
C GLU A 231 8.29 -20.44 30.67
N ILE A 232 8.87 -19.28 30.38
CA ILE A 232 8.43 -18.40 29.29
C ILE A 232 9.34 -18.56 28.07
N TYR A 233 8.83 -18.21 26.88
CA TYR A 233 9.63 -18.23 25.64
C TYR A 233 10.94 -17.46 25.78
N HIS A 234 11.98 -17.92 25.08
CA HIS A 234 13.24 -17.18 24.91
C HIS A 234 12.96 -15.86 24.19
N VAL A 235 13.82 -14.87 24.43
CA VAL A 235 13.64 -13.50 23.90
C VAL A 235 14.87 -13.09 23.12
N TYR A 236 14.66 -12.66 21.89
CA TYR A 236 15.77 -12.14 21.06
C TYR A 236 15.47 -10.72 20.65
N SER A 237 16.52 -9.89 20.61
CA SER A 237 16.50 -8.58 19.96
C SER A 237 17.23 -8.60 18.62
N PHE A 238 16.65 -7.95 17.61
CA PHE A 238 17.22 -7.82 16.26
C PHE A 238 17.18 -6.35 15.86
N ALA A 239 18.35 -5.77 15.57
CA ALA A 239 18.40 -4.42 15.01
C ALA A 239 18.57 -4.51 13.51
N LEU A 240 17.76 -3.72 12.80
CA LEU A 240 17.62 -3.85 11.35
C LEU A 240 17.59 -2.52 10.65
N ARG A 241 17.98 -2.55 9.35
CA ARG A 241 17.76 -1.41 8.45
C ARG A 241 17.94 -1.80 6.98
N ARG B 17 -27.36 5.51 -32.08
CA ARG B 17 -26.87 4.23 -31.49
C ARG B 17 -26.40 4.47 -30.05
N GLY B 18 -26.97 3.74 -29.10
CA GLY B 18 -26.75 4.02 -27.67
C GLY B 18 -25.98 2.99 -26.84
N SER B 19 -25.46 1.95 -27.48
CA SER B 19 -24.67 0.94 -26.77
C SER B 19 -23.69 0.26 -27.70
N THR B 20 -22.65 -0.36 -27.17
CA THR B 20 -21.70 -1.08 -28.03
C THR B 20 -22.38 -2.26 -28.73
N SER B 21 -23.37 -2.86 -28.08
CA SER B 21 -24.12 -4.00 -28.65
C SER B 21 -24.84 -3.65 -29.96
N GLU B 22 -25.13 -2.37 -30.15
CA GLU B 22 -25.76 -1.88 -31.38
C GLU B 22 -24.77 -1.42 -32.44
N VAL B 23 -23.48 -1.35 -32.09
CA VAL B 23 -22.47 -0.92 -33.05
C VAL B 23 -21.42 -1.97 -33.36
N ILE B 24 -21.15 -2.85 -32.41
CA ILE B 24 -20.11 -3.85 -32.64
C ILE B 24 -20.75 -5.10 -33.24
N GLU B 25 -20.37 -5.38 -34.48
CA GLU B 25 -20.88 -6.52 -35.24
C GLU B 25 -20.34 -7.88 -34.75
N ASP B 26 -19.05 -7.94 -34.42
CA ASP B 26 -18.40 -9.19 -33.98
C ASP B 26 -17.44 -8.83 -32.85
N GLU B 27 -17.78 -9.24 -31.64
CA GLU B 27 -16.98 -8.87 -30.47
C GLU B 27 -15.53 -9.37 -30.57
N LYS B 28 -15.34 -10.63 -30.97
CA LYS B 28 -13.98 -11.18 -31.12
C LYS B 28 -13.13 -10.35 -32.09
N GLN B 29 -13.75 -9.93 -33.18
CA GLN B 29 -13.08 -9.11 -34.18
C GLN B 29 -12.83 -7.69 -33.68
N PHE B 30 -13.74 -7.17 -32.87
CA PHE B 30 -13.56 -5.83 -32.29
C PHE B 30 -12.24 -5.79 -31.49
N TYR B 31 -12.03 -6.83 -30.70
CA TYR B 31 -10.79 -6.96 -29.89
C TYR B 31 -9.57 -7.32 -30.76
N SER B 32 -9.71 -8.30 -31.65
CA SER B 32 -8.53 -8.73 -32.41
C SER B 32 -7.99 -7.62 -33.34
N LYS B 33 -8.89 -6.82 -33.92
CA LYS B 33 -8.50 -5.73 -34.82
C LYS B 33 -7.79 -4.60 -34.09
N ALA B 34 -8.23 -4.31 -32.86
CA ALA B 34 -7.56 -3.32 -32.03
C ALA B 34 -6.15 -3.79 -31.67
N LYS B 35 -6.01 -5.08 -31.40
CA LYS B 35 -4.70 -5.62 -31.06
C LYS B 35 -3.76 -5.49 -32.27
N THR B 36 -4.26 -5.85 -33.44
CA THR B 36 -3.53 -5.67 -34.70
C THR B 36 -3.14 -4.20 -34.97
N TYR B 37 -4.09 -3.27 -34.79
CA TYR B 37 -3.82 -1.85 -34.96
C TYR B 37 -2.63 -1.42 -34.10
N TRP B 38 -2.69 -1.75 -32.81
CA TRP B 38 -1.68 -1.25 -31.85
C TRP B 38 -0.30 -1.87 -32.07
N LYS B 39 -0.27 -3.08 -32.60
CA LYS B 39 0.95 -3.80 -32.90
C LYS B 39 1.85 -3.03 -33.89
N GLN B 40 1.24 -2.27 -34.81
CA GLN B 40 2.02 -1.55 -35.84
C GLN B 40 2.25 -0.08 -35.54
N ILE B 41 1.91 0.33 -34.31
CA ILE B 41 2.13 1.70 -33.85
C ILE B 41 3.51 1.82 -33.22
N PRO B 42 4.26 2.86 -33.63
CA PRO B 42 5.58 3.12 -33.01
C PRO B 42 5.45 3.30 -31.48
N PRO B 43 6.38 2.71 -30.72
CA PRO B 43 6.38 2.76 -29.26
C PRO B 43 6.96 4.09 -28.73
N THR B 44 6.25 5.17 -29.01
CA THR B 44 6.67 6.53 -28.67
C THR B 44 5.47 7.29 -28.14
N VAL B 45 5.70 8.44 -27.52
CA VAL B 45 4.60 9.28 -27.02
C VAL B 45 3.68 9.70 -28.15
N ASP B 46 4.24 10.06 -29.31
CA ASP B 46 3.42 10.43 -30.48
C ASP B 46 2.56 9.27 -30.96
N GLY B 47 3.09 8.05 -30.87
CA GLY B 47 2.33 6.85 -31.21
C GLY B 47 1.20 6.62 -30.23
N MET B 48 1.52 6.75 -28.94
CA MET B 48 0.51 6.63 -27.85
C MET B 48 -0.66 7.60 -28.06
N LEU B 49 -0.34 8.81 -28.53
CA LEU B 49 -1.35 9.85 -28.65
C LEU B 49 -1.85 10.06 -30.07
N GLY B 50 -1.67 9.04 -30.91
CA GLY B 50 -2.19 9.03 -32.27
C GLY B 50 -1.76 10.21 -33.12
N GLY B 51 -0.51 10.65 -32.97
CA GLY B 51 0.00 11.80 -33.75
C GLY B 51 -0.12 13.14 -33.02
N TYR B 52 -0.63 13.11 -31.80
CA TYR B 52 -0.77 14.32 -30.97
C TYR B 52 0.18 14.33 -29.76
N GLY B 53 1.37 13.78 -29.94
CA GLY B 53 2.39 13.73 -28.88
C GLY B 53 2.52 15.06 -28.17
N HIS B 54 2.42 16.14 -28.94
CA HIS B 54 2.57 17.49 -28.38
C HIS B 54 1.56 17.90 -27.29
N ILE B 55 0.43 17.19 -27.14
CA ILE B 55 -0.54 17.52 -26.07
C ILE B 55 -0.21 16.91 -24.73
N SER B 56 0.85 16.10 -24.70
CA SER B 56 1.15 15.32 -23.50
C SER B 56 1.31 16.17 -22.25
N SER B 57 2.01 17.30 -22.35
CA SER B 57 2.28 18.11 -21.16
C SER B 57 1.02 18.78 -20.57
N ILE B 58 0.16 19.32 -21.44
CA ILE B 58 -1.09 19.95 -21.02
C ILE B 58 -1.97 18.89 -20.34
N ASP B 59 -1.98 17.69 -20.92
CA ASP B 59 -2.71 16.55 -20.35
C ASP B 59 -2.21 16.14 -18.96
N ILE B 60 -0.91 15.86 -18.87
CA ILE B 60 -0.29 15.39 -17.63
C ILE B 60 -0.45 16.41 -16.51
N ASN B 61 -0.19 17.67 -16.85
CA ASN B 61 -0.26 18.75 -15.86
C ASN B 61 -1.69 18.90 -15.32
N SER B 62 -2.68 18.74 -16.19
CA SER B 62 -4.09 18.79 -15.80
C SER B 62 -4.45 17.57 -14.94
N SER B 63 -3.94 16.41 -15.33
CA SER B 63 -4.15 15.18 -14.56
C SER B 63 -3.55 15.30 -13.18
N ARG B 64 -2.37 15.91 -13.07
CA ARG B 64 -1.73 16.03 -11.76
C ARG B 64 -2.56 16.88 -10.82
N LYS B 65 -3.05 18.01 -11.33
CA LYS B 65 -3.88 18.92 -10.53
C LYS B 65 -5.14 18.20 -10.06
N PHE B 66 -5.79 17.51 -11.00
CA PHE B 66 -6.98 16.70 -10.72
C PHE B 66 -6.76 15.67 -9.60
N LEU B 67 -5.68 14.91 -9.71
CA LEU B 67 -5.38 13.85 -8.78
C LEU B 67 -4.94 14.38 -7.41
N GLN B 68 -4.20 15.48 -7.39
CA GLN B 68 -3.62 15.99 -6.14
C GLN B 68 -4.70 16.42 -5.14
N ARG B 69 -5.85 16.83 -5.66
CA ARG B 69 -7.08 17.08 -4.87
C ARG B 69 -7.49 15.91 -3.97
N PHE B 70 -7.14 14.69 -4.37
CA PHE B 70 -7.41 13.48 -3.58
C PHE B 70 -6.25 13.06 -2.70
N LEU B 71 -5.05 13.49 -3.09
CA LEU B 71 -3.83 13.18 -2.35
C LEU B 71 -3.57 14.18 -1.23
N ARG B 72 -4.28 15.32 -1.27
CA ARG B 72 -4.11 16.36 -0.25
C ARG B 72 -5.11 16.22 0.89
N LYS B 77 -7.80 10.84 3.02
CA LYS B 77 -6.80 11.09 2.00
C LYS B 77 -6.53 9.79 1.23
N THR B 78 -6.42 9.89 -0.09
CA THR B 78 -6.01 8.73 -0.89
C THR B 78 -4.53 8.48 -0.64
N GLY B 79 -4.17 7.19 -0.48
CA GLY B 79 -2.80 6.78 -0.23
C GLY B 79 -1.86 6.93 -1.41
N THR B 80 -0.58 6.71 -1.17
CA THR B 80 0.46 6.91 -2.18
C THR B 80 1.40 5.69 -2.28
N SER B 81 0.93 4.54 -1.77
CA SER B 81 1.70 3.29 -1.84
C SER B 81 1.79 2.67 -3.24
N CYS B 82 0.67 2.61 -3.96
CA CYS B 82 0.65 1.91 -5.24
C CYS B 82 -0.44 2.40 -6.19
N ALA B 83 -0.08 2.49 -7.46
CA ALA B 83 -1.04 2.79 -8.52
C ALA B 83 -1.02 1.70 -9.61
N LEU B 84 -2.09 1.66 -10.40
CA LEU B 84 -2.24 0.75 -11.54
C LEU B 84 -2.53 1.63 -12.77
N ASP B 85 -1.69 1.53 -13.77
CA ASP B 85 -1.80 2.28 -15.03
C ASP B 85 -2.39 1.32 -16.05
N CYS B 86 -3.68 1.52 -16.38
CA CYS B 86 -4.43 0.67 -17.32
C CYS B 86 -4.37 1.16 -18.77
N GLY B 87 -4.02 0.25 -19.69
CA GLY B 87 -3.74 0.62 -21.08
C GLY B 87 -2.56 1.58 -21.06
N ALA B 88 -1.55 1.22 -20.28
CA ALA B 88 -0.42 2.08 -19.97
C ALA B 88 0.47 2.39 -21.20
N GLY B 89 0.42 1.54 -22.22
CA GLY B 89 1.34 1.68 -23.37
C GLY B 89 2.80 1.67 -22.93
N ILE B 90 3.61 2.60 -23.45
CA ILE B 90 5.04 2.67 -23.07
C ILE B 90 5.30 3.35 -21.73
N GLY B 91 4.24 3.85 -21.07
CA GLY B 91 4.35 4.41 -19.73
C GLY B 91 4.44 5.92 -19.71
N ARG B 92 3.83 6.57 -20.70
CA ARG B 92 3.79 8.03 -20.76
C ARG B 92 3.28 8.59 -19.44
N ILE B 93 2.19 8.00 -18.95
CA ILE B 93 1.54 8.48 -17.73
C ILE B 93 2.31 7.97 -16.52
N THR B 94 2.71 6.71 -16.56
CA THR B 94 3.51 6.12 -15.48
C THR B 94 4.73 7.00 -15.22
N LYS B 95 5.38 7.50 -16.26
CA LYS B 95 6.61 8.28 -16.13
C LYS B 95 6.39 9.61 -15.44
N ARG B 96 5.39 10.34 -15.91
CA ARG B 96 5.29 11.73 -15.52
C ARG B 96 4.31 11.97 -14.40
N LEU B 97 3.32 11.07 -14.27
CA LEU B 97 2.27 11.28 -13.31
C LEU B 97 2.34 10.35 -12.11
N LEU B 98 2.49 9.06 -12.37
CA LEU B 98 2.33 8.10 -11.31
C LEU B 98 3.63 7.78 -10.56
N LEU B 99 4.72 7.50 -11.28
CA LEU B 99 5.98 7.16 -10.57
C LEU B 99 6.43 8.24 -9.59
N PRO B 100 6.39 9.54 -9.98
CA PRO B 100 6.72 10.56 -8.99
C PRO B 100 5.83 10.57 -7.72
N LEU B 101 4.55 10.21 -7.85
CA LEU B 101 3.63 10.33 -6.73
C LEU B 101 3.41 9.05 -5.91
N PHE B 102 3.69 7.90 -6.52
CA PHE B 102 3.39 6.61 -5.92
C PHE B 102 4.66 5.77 -5.71
N ARG B 103 4.73 5.11 -4.55
CA ARG B 103 5.90 4.28 -4.23
C ARG B 103 6.09 3.11 -5.20
N GLU B 104 5.01 2.45 -5.58
CA GLU B 104 5.12 1.46 -6.65
C GLU B 104 4.02 1.67 -7.67
N VAL B 105 4.26 1.20 -8.89
CA VAL B 105 3.26 1.24 -9.96
C VAL B 105 3.23 -0.12 -10.69
N ASP B 106 2.03 -0.60 -10.98
CA ASP B 106 1.83 -1.74 -11.89
C ASP B 106 1.35 -1.17 -13.23
N MET B 107 1.78 -1.78 -14.33
CA MET B 107 1.31 -1.41 -15.67
C MET B 107 0.60 -2.58 -16.31
N VAL B 108 -0.54 -2.33 -16.97
CA VAL B 108 -1.21 -3.38 -17.73
C VAL B 108 -1.54 -2.86 -19.12
N ASP B 109 -1.22 -3.65 -20.15
CA ASP B 109 -1.46 -3.29 -21.56
C ASP B 109 -1.50 -4.53 -22.43
N ILE B 110 -2.26 -4.48 -23.52
CA ILE B 110 -2.38 -5.63 -24.43
C ILE B 110 -1.17 -5.80 -25.31
N THR B 111 -0.39 -4.73 -25.48
CA THR B 111 0.66 -4.70 -26.50
C THR B 111 2.01 -4.97 -25.86
N GLU B 112 2.49 -6.19 -26.02
CA GLU B 112 3.75 -6.60 -25.40
C GLU B 112 4.93 -5.66 -25.73
N ASP B 113 5.05 -5.25 -26.99
CA ASP B 113 6.15 -4.37 -27.41
C ASP B 113 6.19 -3.05 -26.65
N PHE B 114 5.03 -2.53 -26.26
CA PHE B 114 4.97 -1.28 -25.52
C PHE B 114 5.54 -1.45 -24.12
N LEU B 115 5.20 -2.56 -23.46
CA LEU B 115 5.67 -2.85 -22.11
C LEU B 115 7.18 -3.13 -22.10
N VAL B 116 7.67 -3.76 -23.17
CA VAL B 116 9.13 -3.94 -23.36
C VAL B 116 9.81 -2.58 -23.48
N GLN B 117 9.30 -1.74 -24.38
CA GLN B 117 9.83 -0.38 -24.52
C GLN B 117 9.75 0.40 -23.21
N ALA B 118 8.69 0.18 -22.45
CA ALA B 118 8.51 0.85 -21.16
C ALA B 118 9.75 0.73 -20.25
N LYS B 119 10.35 -0.46 -20.22
CA LYS B 119 11.51 -0.68 -19.36
C LYS B 119 12.69 0.25 -19.70
N THR B 120 12.81 0.59 -20.98
CA THR B 120 13.79 1.57 -21.46
C THR B 120 13.31 3.00 -21.23
N TYR B 121 12.11 3.28 -21.74
CA TYR B 121 11.48 4.57 -21.62
C TYR B 121 11.46 5.11 -20.19
N LEU B 122 11.09 4.26 -19.24
CA LEU B 122 10.97 4.68 -17.84
C LEU B 122 12.31 4.92 -17.16
N GLY B 123 13.38 4.33 -17.70
CA GLY B 123 14.73 4.52 -17.17
C GLY B 123 14.86 4.06 -15.72
N GLU B 124 15.69 4.77 -14.96
CA GLU B 124 15.95 4.46 -13.56
C GLU B 124 14.71 4.38 -12.69
N GLU B 125 13.84 5.39 -12.79
CA GLU B 125 12.62 5.43 -11.98
C GLU B 125 11.71 4.23 -12.25
N GLY B 126 11.81 3.70 -13.47
CA GLY B 126 11.05 2.51 -13.90
C GLY B 126 11.35 1.25 -13.11
N LYS B 127 12.51 1.23 -12.44
CA LYS B 127 12.84 0.14 -11.53
C LYS B 127 11.81 0.00 -10.42
N ARG B 128 10.97 1.02 -10.21
CA ARG B 128 9.91 0.93 -9.20
C ARG B 128 8.53 0.55 -9.78
N VAL B 129 8.52 0.09 -11.03
CA VAL B 129 7.35 -0.61 -11.57
C VAL B 129 7.45 -2.04 -11.10
N ARG B 130 6.45 -2.45 -10.32
CA ARG B 130 6.41 -3.73 -9.66
C ARG B 130 6.11 -4.84 -10.65
N ASN B 131 5.05 -4.66 -11.43
CA ASN B 131 4.62 -5.65 -12.40
C ASN B 131 4.36 -5.02 -13.74
N TYR B 132 4.75 -5.74 -14.79
CA TYR B 132 4.33 -5.42 -16.15
C TYR B 132 3.35 -6.53 -16.54
N PHE B 133 2.08 -6.16 -16.66
CA PHE B 133 1.05 -7.13 -17.02
C PHE B 133 0.70 -6.99 -18.51
N CYS B 134 1.02 -8.01 -19.30
CA CYS B 134 0.59 -8.01 -20.71
C CYS B 134 -0.73 -8.76 -20.81
N CYS B 135 -1.83 -8.00 -20.89
CA CYS B 135 -3.15 -8.58 -20.80
C CYS B 135 -4.18 -7.57 -21.27
N GLY B 136 -5.28 -8.04 -21.86
CA GLY B 136 -6.43 -7.14 -22.14
C GLY B 136 -7.16 -6.82 -20.85
N LEU B 137 -7.67 -5.60 -20.70
CA LEU B 137 -8.37 -5.25 -19.47
C LEU B 137 -9.58 -6.17 -19.29
N GLN B 138 -10.16 -6.60 -20.40
CA GLN B 138 -11.33 -7.50 -20.36
C GLN B 138 -10.99 -8.86 -19.77
N ASP B 139 -9.70 -9.20 -19.72
CA ASP B 139 -9.22 -10.46 -19.16
C ASP B 139 -8.42 -10.25 -17.87
N PHE B 140 -8.39 -9.00 -17.38
CA PHE B 140 -7.55 -8.63 -16.25
C PHE B 140 -8.38 -8.50 -15.00
N THR B 141 -7.88 -9.12 -13.93
CA THR B 141 -8.53 -9.04 -12.63
C THR B 141 -7.49 -8.51 -11.63
N PRO B 142 -7.60 -7.22 -11.29
CA PRO B 142 -6.70 -6.69 -10.28
C PRO B 142 -7.03 -7.36 -8.93
N GLU B 143 -6.03 -7.79 -8.18
CA GLU B 143 -6.30 -8.56 -6.95
C GLU B 143 -6.75 -7.64 -5.81
N PRO B 144 -7.65 -8.13 -4.93
CA PRO B 144 -8.21 -7.35 -3.83
C PRO B 144 -7.14 -6.56 -3.05
N ASP B 145 -7.50 -5.38 -2.56
CA ASP B 145 -6.65 -4.59 -1.63
C ASP B 145 -5.27 -4.21 -2.16
N SER B 146 -5.19 -3.80 -3.43
CA SER B 146 -3.88 -3.58 -4.08
C SER B 146 -3.48 -2.12 -4.37
N TYR B 147 -4.45 -1.30 -4.78
CA TYR B 147 -4.15 -0.01 -5.37
C TYR B 147 -4.84 1.19 -4.74
N ASP B 148 -4.07 2.26 -4.56
CA ASP B 148 -4.60 3.53 -4.08
C ASP B 148 -5.21 4.32 -5.23
N VAL B 149 -4.61 4.22 -6.40
CA VAL B 149 -5.19 4.85 -7.60
C VAL B 149 -5.11 3.86 -8.74
N ILE B 150 -6.23 3.70 -9.47
CA ILE B 150 -6.25 2.96 -10.73
C ILE B 150 -6.56 3.98 -11.81
N TRP B 151 -5.60 4.18 -12.71
CA TRP B 151 -5.68 5.21 -13.77
C TRP B 151 -6.01 4.58 -15.13
N ILE B 152 -7.13 5.03 -15.73
CA ILE B 152 -7.59 4.39 -16.96
C ILE B 152 -7.78 5.47 -18.02
N GLN B 153 -6.80 5.62 -18.88
CA GLN B 153 -6.78 6.76 -19.83
C GLN B 153 -6.64 6.36 -21.29
N TRP B 154 -7.53 6.93 -22.11
CA TRP B 154 -7.55 6.66 -23.55
C TRP B 154 -7.58 5.15 -23.89
N VAL B 155 -8.41 4.42 -23.16
CA VAL B 155 -8.53 2.99 -23.44
C VAL B 155 -9.95 2.47 -23.21
N ILE B 156 -10.83 3.21 -22.53
CA ILE B 156 -12.17 2.60 -22.26
C ILE B 156 -12.95 2.27 -23.53
N GLY B 157 -12.69 3.03 -24.58
CA GLY B 157 -13.29 2.76 -25.88
C GLY B 157 -12.85 1.44 -26.52
N HIS B 158 -11.82 0.79 -25.98
CA HIS B 158 -11.44 -0.52 -26.45
C HIS B 158 -12.20 -1.68 -25.80
N LEU B 159 -13.08 -1.36 -24.86
CA LEU B 159 -13.90 -2.42 -24.21
C LEU B 159 -15.36 -2.30 -24.58
N THR B 160 -16.06 -3.44 -24.64
CA THR B 160 -17.54 -3.39 -24.79
C THR B 160 -18.13 -2.80 -23.53
N ASP B 161 -19.38 -2.35 -23.61
CA ASP B 161 -20.07 -1.86 -22.39
C ASP B 161 -20.00 -2.86 -21.24
N GLN B 162 -20.30 -4.13 -21.52
CA GLN B 162 -20.34 -5.12 -20.45
C GLN B 162 -18.98 -5.35 -19.87
N HIS B 163 -17.97 -5.46 -20.73
CA HIS B 163 -16.62 -5.68 -20.23
C HIS B 163 -16.16 -4.45 -19.43
N LEU B 164 -16.54 -3.27 -19.89
CA LEU B 164 -16.20 -2.04 -19.14
C LEU B 164 -16.84 -2.02 -17.74
N ALA B 165 -18.14 -2.25 -17.67
CA ALA B 165 -18.81 -2.33 -16.36
C ALA B 165 -18.15 -3.35 -15.43
N GLU B 166 -17.81 -4.53 -15.98
CA GLU B 166 -17.30 -5.63 -15.18
C GLU B 166 -15.88 -5.35 -14.74
N PHE B 167 -15.08 -4.80 -15.65
CA PHE B 167 -13.73 -4.36 -15.30
C PHE B 167 -13.78 -3.34 -14.14
N LEU B 168 -14.66 -2.34 -14.25
CA LEU B 168 -14.76 -1.31 -13.22
C LEU B 168 -15.19 -1.92 -11.88
N ARG B 169 -16.06 -2.91 -11.93
CA ARG B 169 -16.42 -3.65 -10.70
C ARG B 169 -15.21 -4.39 -10.12
N ARG B 170 -14.43 -5.02 -11.00
CA ARG B 170 -13.20 -5.65 -10.57
C ARG B 170 -12.23 -4.63 -9.94
N CYS B 171 -12.01 -3.50 -10.63
CA CYS B 171 -11.21 -2.42 -10.09
C CYS B 171 -11.66 -1.97 -8.70
N LYS B 172 -12.97 -1.78 -8.52
CA LYS B 172 -13.52 -1.35 -7.23
C LYS B 172 -13.08 -2.34 -6.15
N GLY B 173 -13.21 -3.63 -6.47
CA GLY B 173 -12.78 -4.68 -5.55
C GLY B 173 -11.29 -4.69 -5.19
N SER B 174 -10.46 -4.01 -5.98
CA SER B 174 -8.99 -3.97 -5.75
C SER B 174 -8.46 -2.70 -5.05
N LEU B 175 -9.36 -1.74 -4.80
CA LEU B 175 -8.96 -0.49 -4.21
C LEU B 175 -8.61 -0.62 -2.72
N ARG B 176 -7.54 0.06 -2.33
CA ARG B 176 -7.22 0.20 -0.92
C ARG B 176 -8.19 1.22 -0.28
N PRO B 177 -8.32 1.21 1.07
CA PRO B 177 -9.18 2.22 1.69
C PRO B 177 -8.87 3.63 1.21
N ASN B 178 -9.93 4.38 0.90
CA ASN B 178 -9.87 5.73 0.33
C ASN B 178 -9.33 5.80 -1.11
N GLY B 179 -9.08 4.64 -1.70
CA GLY B 179 -8.54 4.56 -3.06
C GLY B 179 -9.54 5.04 -4.10
N ILE B 180 -9.03 5.46 -5.26
CA ILE B 180 -9.93 5.92 -6.33
C ILE B 180 -9.58 5.33 -7.70
N ILE B 181 -10.61 5.24 -8.56
CA ILE B 181 -10.41 4.96 -9.97
C ILE B 181 -10.56 6.29 -10.72
N VAL B 182 -9.68 6.54 -11.68
CA VAL B 182 -9.84 7.67 -12.58
C VAL B 182 -9.96 7.18 -14.00
N ILE B 183 -11.06 7.58 -14.64
CA ILE B 183 -11.22 7.47 -16.11
C ILE B 183 -10.97 8.84 -16.72
N LYS B 184 -10.06 8.86 -17.69
CA LYS B 184 -9.83 10.07 -18.48
C LYS B 184 -9.88 9.69 -19.96
N ASP B 185 -10.81 10.27 -20.70
CA ASP B 185 -11.03 9.77 -22.05
C ASP B 185 -11.86 10.75 -22.91
N ASN B 186 -11.85 10.47 -24.21
CA ASN B 186 -12.70 11.10 -25.20
C ASN B 186 -14.16 10.81 -24.91
N MET B 187 -14.98 11.86 -25.01
CA MET B 187 -16.43 11.73 -24.92
C MET B 187 -17.02 12.19 -26.24
N ALA B 188 -17.96 11.41 -26.78
CA ALA B 188 -18.64 11.75 -28.05
C ALA B 188 -19.70 12.79 -27.76
N GLN B 189 -20.06 13.58 -28.78
CA GLN B 189 -21.16 14.54 -28.61
C GLN B 189 -22.46 13.80 -28.34
N GLU B 190 -22.70 12.70 -29.06
CA GLU B 190 -23.92 11.93 -28.90
C GLU B 190 -23.75 10.46 -29.31
N GLY B 191 -24.30 9.57 -28.49
CA GLY B 191 -24.38 8.15 -28.83
C GLY B 191 -23.10 7.38 -28.63
N VAL B 192 -22.99 6.24 -29.30
CA VAL B 192 -21.77 5.41 -29.29
C VAL B 192 -21.29 5.34 -30.75
N ILE B 193 -20.04 5.75 -30.98
CA ILE B 193 -19.46 5.92 -32.31
C ILE B 193 -18.28 4.96 -32.50
N LEU B 194 -18.28 4.20 -33.60
CA LEU B 194 -17.19 3.29 -33.91
C LEU B 194 -16.08 3.99 -34.70
N ASP B 195 -14.84 3.81 -34.24
CA ASP B 195 -13.67 4.20 -35.00
C ASP B 195 -13.16 2.93 -35.64
N ASP B 196 -13.34 2.78 -36.95
CA ASP B 196 -12.84 1.56 -37.57
C ASP B 196 -11.35 1.65 -37.97
N VAL B 197 -10.69 2.75 -37.61
CA VAL B 197 -9.22 2.83 -37.76
C VAL B 197 -8.56 2.00 -36.65
N ASP B 198 -8.83 2.37 -35.40
CA ASP B 198 -8.19 1.68 -34.29
C ASP B 198 -9.10 0.62 -33.65
N SER B 199 -10.32 0.44 -34.17
CA SER B 199 -11.27 -0.54 -33.62
C SER B 199 -11.58 -0.26 -32.14
N SER B 200 -12.14 0.94 -31.92
CA SER B 200 -12.57 1.39 -30.61
C SER B 200 -13.90 2.11 -30.79
N VAL B 201 -14.59 2.36 -29.68
CA VAL B 201 -15.73 3.26 -29.69
C VAL B 201 -15.47 4.53 -28.89
N CYS B 202 -16.29 5.54 -29.15
CA CYS B 202 -16.36 6.69 -28.29
C CYS B 202 -17.80 6.81 -27.86
N ARG B 203 -18.01 7.12 -26.60
CA ARG B 203 -19.34 7.13 -26.02
C ARG B 203 -19.65 8.51 -25.49
N ASP B 204 -20.92 8.92 -25.54
CA ASP B 204 -21.30 10.22 -24.96
C ASP B 204 -21.30 10.19 -23.42
N LEU B 205 -21.27 11.36 -22.77
CA LEU B 205 -21.27 11.45 -21.30
C LEU B 205 -22.35 10.63 -20.60
N ASP B 206 -23.56 10.63 -21.15
CA ASP B 206 -24.65 9.87 -20.55
C ASP B 206 -24.40 8.38 -20.54
N VAL B 207 -23.90 7.84 -21.66
CA VAL B 207 -23.56 6.44 -21.74
C VAL B 207 -22.49 6.08 -20.70
N VAL B 208 -21.45 6.90 -20.60
CA VAL B 208 -20.35 6.63 -19.66
C VAL B 208 -20.85 6.69 -18.22
N ARG B 209 -21.64 7.71 -17.90
CA ARG B 209 -22.25 7.78 -16.57
C ARG B 209 -23.11 6.57 -16.22
N ARG B 210 -23.93 6.10 -17.17
CA ARG B 210 -24.76 4.92 -16.97
C ARG B 210 -23.90 3.74 -16.59
N ILE B 211 -22.81 3.53 -17.33
CA ILE B 211 -21.93 2.40 -17.08
C ILE B 211 -21.28 2.51 -15.68
N ILE B 212 -20.82 3.71 -15.33
CA ILE B 212 -20.28 3.96 -13.98
C ILE B 212 -21.26 3.58 -12.87
N CYS B 213 -22.49 4.09 -12.95
CA CYS B 213 -23.46 3.87 -11.88
C CYS B 213 -23.78 2.38 -11.75
N SER B 214 -23.89 1.72 -12.91
CA SER B 214 -24.15 0.27 -12.98
C SER B 214 -23.02 -0.59 -12.35
N ALA B 215 -21.80 -0.05 -12.29
CA ALA B 215 -20.69 -0.80 -11.67
C ALA B 215 -20.64 -0.63 -10.14
N GLY B 216 -21.61 0.09 -9.57
CA GLY B 216 -21.69 0.23 -8.12
C GLY B 216 -20.69 1.24 -7.61
N LEU B 217 -20.27 2.13 -8.50
CA LEU B 217 -19.35 3.18 -8.14
C LEU B 217 -20.08 4.50 -7.90
N SER B 218 -19.46 5.37 -7.11
CA SER B 218 -19.90 6.74 -6.95
C SER B 218 -18.98 7.65 -7.73
N LEU B 219 -19.57 8.69 -8.31
CA LEU B 219 -18.79 9.75 -8.95
C LEU B 219 -18.26 10.63 -7.82
N LEU B 220 -16.96 10.89 -7.84
CA LEU B 220 -16.34 11.76 -6.84
C LEU B 220 -16.05 13.16 -7.37
N ALA B 221 -15.65 13.22 -8.63
CA ALA B 221 -15.31 14.47 -9.29
C ALA B 221 -15.37 14.26 -10.80
N GLU B 222 -15.82 15.28 -11.51
CA GLU B 222 -15.81 15.29 -12.97
C GLU B 222 -15.20 16.61 -13.45
N GLU B 223 -14.38 16.54 -14.50
CA GLU B 223 -13.72 17.73 -15.01
C GLU B 223 -13.44 17.63 -16.50
N ARG B 224 -13.95 18.58 -17.27
CA ARG B 224 -13.61 18.71 -18.68
C ARG B 224 -12.19 19.27 -18.83
N GLN B 225 -11.42 18.64 -19.69
CA GLN B 225 -10.05 19.03 -20.03
C GLN B 225 -10.04 20.26 -20.93
N GLU B 226 -9.22 21.25 -20.57
CA GLU B 226 -9.12 22.48 -21.36
C GLU B 226 -7.84 22.54 -22.18
N ASN B 227 -7.84 23.40 -23.20
CA ASN B 227 -6.64 23.72 -23.98
C ASN B 227 -6.23 22.63 -24.98
N LEU B 228 -7.22 21.91 -25.49
CA LEU B 228 -7.01 20.87 -26.49
C LEU B 228 -7.28 21.37 -27.89
N PRO B 229 -6.70 20.70 -28.92
CA PRO B 229 -7.06 21.03 -30.31
C PRO B 229 -8.58 20.89 -30.50
N ASP B 230 -9.19 21.80 -31.26
CA ASP B 230 -10.65 21.80 -31.44
C ASP B 230 -11.17 20.59 -32.22
N GLU B 231 -10.33 20.02 -33.07
CA GLU B 231 -10.76 18.94 -33.99
C GLU B 231 -10.85 17.55 -33.35
N ILE B 232 -10.35 17.39 -32.12
CA ILE B 232 -10.43 16.09 -31.45
C ILE B 232 -11.57 16.00 -30.43
N TYR B 233 -11.97 14.78 -30.08
CA TYR B 233 -13.03 14.58 -29.07
C TYR B 233 -12.76 15.37 -27.79
N HIS B 234 -13.82 15.91 -27.20
CA HIS B 234 -13.74 16.47 -25.83
C HIS B 234 -13.17 15.40 -24.90
N VAL B 235 -12.45 15.85 -23.87
CA VAL B 235 -11.87 14.92 -22.89
C VAL B 235 -12.41 15.29 -21.51
N TYR B 236 -12.80 14.27 -20.76
CA TYR B 236 -13.28 14.40 -19.40
C TYR B 236 -12.54 13.46 -18.48
N SER B 237 -12.34 13.90 -17.23
CA SER B 237 -11.79 13.05 -16.19
C SER B 237 -12.90 12.81 -15.19
N PHE B 238 -13.02 11.55 -14.75
CA PHE B 238 -13.95 11.14 -13.72
C PHE B 238 -13.16 10.44 -12.60
N ALA B 239 -13.29 10.91 -11.37
CA ALA B 239 -12.75 10.18 -10.22
C ALA B 239 -13.89 9.41 -9.55
N LEU B 240 -13.66 8.13 -9.26
CA LEU B 240 -14.71 7.18 -8.82
C LEU B 240 -14.26 6.35 -7.63
N ARG B 241 -15.21 5.91 -6.81
CA ARG B 241 -14.94 4.80 -5.87
C ARG B 241 -16.18 4.03 -5.44
#